data_2WG8
#
_entry.id   2WG8
#
_cell.length_a   169.094
_cell.length_b   41.491
_cell.length_c   53.124
_cell.angle_alpha   90.00
_cell.angle_beta   90.00
_cell.angle_gamma   90.00
#
_symmetry.space_group_name_H-M   'P 21 21 2'
#
loop_
_entity.id
_entity.type
_entity.pdbx_description
1 polymer 'PUTATIVE PHOSPHOLIPASE A2'
2 polymer 'PUTATIVE PHOSPHOLIPASE A2'
3 non-polymer 'CALCIUM ION'
4 non-polymer 'SODIUM ION'
5 water water
#
loop_
_entity_poly.entity_id
_entity_poly.type
_entity_poly.pdbx_seq_one_letter_code
_entity_poly.pdbx_strand_id
1 'polypeptide(L)'
;MLNIGDLLGSTPAKDQACSRTCESQFCTIAPLLRYGKYCGILYSGCPGERPCDALDACCMVHDHCVDTHNDDYLNTMCNE
NLLSCIDRVSGATFPGNKCNVGQTASVIRGVIETAVFAGKILHKRDDGQ
;
A
2 'polypeptide(L)'
;MLNIGDLLGSTPAKDQGCSRTCESQFCTIAPLLRYGKYCGILYSGCPGERPCDALDACCMVHDHCVDTHNDDYLNTMCNE
NLLSCIDRVSGATFPGNKCNVGQTASVIRGVIETAVFAGKILHKRDDGQ
;
B,C
#
# COMPACT_ATOMS: atom_id res chain seq x y z
N GLN A 16 -12.86 -16.12 -11.13
CA GLN A 16 -14.12 -16.93 -11.23
C GLN A 16 -14.10 -18.15 -10.31
N ALA A 17 -12.92 -18.73 -10.14
CA ALA A 17 -12.75 -19.99 -9.42
C ALA A 17 -12.64 -19.79 -7.92
N CYS A 18 -13.44 -18.86 -7.40
CA CYS A 18 -13.26 -18.34 -6.06
C CYS A 18 -14.58 -18.11 -5.37
N SER A 19 -14.51 -17.82 -4.08
CA SER A 19 -15.70 -17.72 -3.25
C SER A 19 -16.10 -16.28 -2.96
N ARG A 20 -17.40 -16.02 -3.07
CA ARG A 20 -18.00 -14.76 -2.65
C ARG A 20 -19.00 -14.98 -1.50
N THR A 21 -19.03 -16.19 -0.97
CA THR A 21 -19.98 -16.58 0.08
C THR A 21 -19.27 -17.14 1.30
N CYS A 22 -19.81 -16.86 2.48
CA CYS A 22 -19.23 -17.34 3.74
C CYS A 22 -19.69 -18.76 3.99
N GLU A 23 -18.81 -19.74 3.80
CA GLU A 23 -19.19 -21.13 3.95
C GLU A 23 -18.95 -21.66 5.37
N SER A 24 -19.65 -22.73 5.75
CA SER A 24 -19.32 -23.46 6.97
C SER A 24 -19.57 -24.95 6.76
N GLN A 25 -18.54 -25.63 6.30
CA GLN A 25 -18.65 -26.98 5.79
C GLN A 25 -17.49 -27.84 6.29
N PHE A 26 -17.81 -29.07 6.70
CA PHE A 26 -16.84 -30.04 7.19
C PHE A 26 -15.96 -29.44 8.25
N CYS A 27 -16.60 -28.75 9.18
CA CYS A 27 -15.99 -27.99 10.26
C CYS A 27 -14.82 -28.69 10.99
N THR A 28 -14.94 -30.00 11.21
CA THR A 28 -13.94 -30.74 11.97
C THR A 28 -13.06 -31.65 11.11
N ILE A 29 -13.18 -31.54 9.79
CA ILE A 29 -12.45 -32.40 8.86
C ILE A 29 -11.55 -31.54 7.99
N ALA A 30 -10.31 -31.42 8.46
CA ALA A 30 -9.30 -30.52 7.89
C ALA A 30 -9.11 -30.59 6.38
N PRO A 31 -9.00 -31.81 5.80
CA PRO A 31 -8.92 -31.84 4.33
C PRO A 31 -10.15 -31.25 3.60
N LEU A 32 -11.33 -31.29 4.21
CA LEU A 32 -12.57 -30.87 3.53
C LEU A 32 -13.15 -29.55 4.05
N LEU A 33 -12.61 -29.08 5.17
CA LEU A 33 -13.01 -27.81 5.77
CA LEU A 33 -13.01 -27.81 5.77
C LEU A 33 -13.12 -26.68 4.75
N ARG A 34 -14.24 -25.95 4.82
CA ARG A 34 -14.43 -24.71 4.10
C ARG A 34 -15.17 -23.80 5.05
N TYR A 35 -14.54 -22.69 5.40
CA TYR A 35 -15.06 -21.80 6.42
C TYR A 35 -14.83 -20.37 5.94
N GLY A 36 -15.92 -19.60 5.92
CA GLY A 36 -15.85 -18.22 5.47
C GLY A 36 -15.60 -18.23 3.98
N LYS A 37 -14.97 -17.19 3.46
CA LYS A 37 -14.60 -17.12 2.06
C LYS A 37 -13.17 -17.60 1.81
N TYR A 38 -12.38 -17.72 2.88
CA TYR A 38 -10.92 -17.91 2.78
C TYR A 38 -10.34 -19.16 3.43
N CYS A 39 -10.99 -19.71 4.46
CA CYS A 39 -10.39 -20.80 5.25
C CYS A 39 -10.73 -22.13 4.65
N GLY A 40 -9.70 -22.80 4.13
CA GLY A 40 -9.87 -24.09 3.52
C GLY A 40 -8.77 -24.28 2.50
N ILE A 41 -8.47 -25.55 2.23
CA ILE A 41 -7.42 -25.95 1.32
C ILE A 41 -7.85 -25.66 -0.12
N LEU A 42 -7.02 -24.92 -0.85
CA LEU A 42 -7.32 -24.52 -2.24
C LEU A 42 -8.72 -23.93 -2.39
N TYR A 43 -9.05 -23.07 -1.45
CA TYR A 43 -10.36 -22.44 -1.36
C TYR A 43 -10.09 -21.02 -0.91
N SER A 44 -10.47 -20.04 -1.71
CA SER A 44 -10.12 -18.67 -1.42
C SER A 44 -11.19 -17.72 -1.92
N GLY A 45 -11.26 -16.54 -1.29
CA GLY A 45 -12.18 -15.50 -1.71
C GLY A 45 -11.73 -14.80 -2.99
N CYS A 46 -12.71 -14.36 -3.77
CA CYS A 46 -12.45 -13.56 -4.96
C CYS A 46 -11.80 -12.24 -4.59
N PRO A 47 -11.01 -11.68 -5.53
CA PRO A 47 -10.40 -10.38 -5.31
C PRO A 47 -11.35 -9.37 -4.70
N GLY A 48 -10.88 -8.69 -3.64
CA GLY A 48 -11.62 -7.61 -3.01
C GLY A 48 -12.69 -8.04 -2.03
N GLU A 49 -12.89 -9.35 -1.88
CA GLU A 49 -13.95 -9.89 -1.04
C GLU A 49 -13.64 -9.75 0.45
N ARG A 50 -14.54 -9.09 1.18
CA ARG A 50 -14.39 -8.90 2.62
C ARG A 50 -14.49 -10.26 3.31
N PRO A 51 -13.54 -10.54 4.22
CA PRO A 51 -13.60 -11.75 5.03
C PRO A 51 -14.80 -11.73 5.99
N CYS A 52 -15.23 -12.92 6.39
CA CYS A 52 -16.52 -13.11 7.07
C CYS A 52 -16.49 -12.92 8.59
N ASP A 53 -15.32 -13.12 9.19
CA ASP A 53 -15.09 -12.86 10.60
C ASP A 53 -13.60 -12.80 10.83
N ALA A 54 -13.19 -12.71 12.11
CA ALA A 54 -11.77 -12.62 12.49
C ALA A 54 -10.97 -13.84 12.02
N LEU A 55 -11.49 -15.04 12.21
CA LEU A 55 -10.82 -16.25 11.73
C LEU A 55 -10.66 -16.21 10.21
N ASP A 56 -11.71 -15.81 9.51
CA ASP A 56 -11.66 -15.71 8.05
C ASP A 56 -10.61 -14.73 7.56
N ALA A 57 -10.46 -13.62 8.29
CA ALA A 57 -9.47 -12.59 7.97
C ALA A 57 -8.03 -13.09 8.13
N CYS A 58 -7.79 -13.92 9.13
CA CYS A 58 -6.50 -14.59 9.30
C CYS A 58 -6.16 -15.44 8.08
N CYS A 59 -7.17 -16.17 7.58
CA CYS A 59 -7.03 -17.03 6.42
C CYS A 59 -6.82 -16.28 5.11
N MET A 60 -7.43 -15.10 4.99
CA MET A 60 -7.25 -14.21 3.85
C MET A 60 -5.81 -13.70 3.71
N VAL A 61 -5.26 -13.24 4.84
CA VAL A 61 -3.88 -12.81 4.89
C VAL A 61 -2.94 -13.97 4.53
N HIS A 62 -3.19 -15.13 5.13
CA HIS A 62 -2.36 -16.31 4.87
C HIS A 62 -2.40 -16.68 3.39
N ASP A 63 -3.59 -16.64 2.79
CA ASP A 63 -3.77 -17.05 1.40
C ASP A 63 -2.98 -16.17 0.44
N HIS A 64 -3.05 -14.86 0.67
CA HIS A 64 -2.30 -13.88 -0.13
C HIS A 64 -0.80 -13.95 0.13
N CYS A 65 -0.40 -14.25 1.36
CA CYS A 65 0.98 -14.43 1.73
C CYS A 65 1.64 -15.57 0.94
N VAL A 66 0.93 -16.69 0.83
CA VAL A 66 1.39 -17.84 0.06
C VAL A 66 1.47 -17.48 -1.41
N ASP A 67 0.40 -16.87 -1.92
CA ASP A 67 0.35 -16.33 -3.28
C ASP A 67 1.53 -15.44 -3.65
N THR A 68 1.91 -14.55 -2.75
CA THR A 68 2.99 -13.59 -3.04
C THR A 68 4.36 -14.12 -2.64
N HIS A 69 4.40 -15.39 -2.26
CA HIS A 69 5.67 -16.07 -1.99
C HIS A 69 5.78 -17.33 -2.82
N ASN A 70 5.61 -17.16 -4.13
CA ASN A 70 5.79 -18.21 -5.12
C ASN A 70 5.04 -19.51 -4.78
N ASP A 71 3.81 -19.36 -4.27
CA ASP A 71 2.92 -20.47 -3.86
C ASP A 71 3.51 -21.44 -2.81
N ASP A 72 4.40 -20.91 -1.97
CA ASP A 72 5.05 -21.72 -0.94
C ASP A 72 4.19 -21.75 0.31
N TYR A 73 3.38 -22.79 0.42
CA TYR A 73 2.50 -23.00 1.55
C TYR A 73 3.28 -23.47 2.77
N LEU A 74 4.60 -23.64 2.60
CA LEU A 74 5.49 -23.99 3.71
C LEU A 74 6.33 -22.80 4.16
N ASN A 75 6.02 -21.61 3.65
CA ASN A 75 6.72 -20.39 4.05
C ASN A 75 6.49 -20.11 5.54
N THR A 76 7.58 -19.96 6.28
CA THR A 76 7.55 -19.82 7.74
C THR A 76 6.85 -18.56 8.21
N MET A 77 7.10 -17.44 7.52
CA MET A 77 6.40 -16.19 7.84
C MET A 77 4.89 -16.34 7.69
N CYS A 78 4.46 -16.75 6.50
CA CYS A 78 3.04 -16.95 6.23
C CYS A 78 2.40 -17.79 7.30
N ASN A 79 3.03 -18.95 7.56
CA ASN A 79 2.49 -19.93 8.49
C ASN A 79 2.49 -19.53 9.95
N GLU A 80 3.60 -18.96 10.42
CA GLU A 80 3.69 -18.50 11.81
C GLU A 80 2.81 -17.27 12.06
N ASN A 81 2.65 -16.41 11.05
CA ASN A 81 1.76 -15.25 11.16
C ASN A 81 0.30 -15.65 11.32
N LEU A 82 -0.09 -16.73 10.63
CA LEU A 82 -1.42 -17.31 10.77
C LEU A 82 -1.65 -17.90 12.17
N LEU A 83 -0.67 -18.62 12.70
CA LEU A 83 -0.72 -19.11 14.07
C LEU A 83 -0.93 -17.98 15.08
N SER A 84 -0.15 -16.89 14.95
CA SER A 84 -0.30 -15.71 15.82
C SER A 84 -1.71 -15.12 15.70
N CYS A 85 -2.21 -15.09 14.47
CA CYS A 85 -3.51 -14.51 14.17
C CYS A 85 -4.65 -15.37 14.74
N ILE A 86 -4.55 -16.70 14.55
CA ILE A 86 -5.53 -17.68 15.04
C ILE A 86 -5.69 -17.59 16.56
N ASP A 87 -4.57 -17.51 17.27
CA ASP A 87 -4.57 -17.44 18.75
C ASP A 87 -5.19 -16.17 19.32
N ARG A 88 -5.52 -15.22 18.45
CA ARG A 88 -6.05 -13.94 18.90
C ARG A 88 -7.45 -13.67 18.35
N VAL A 89 -8.03 -14.71 17.74
CA VAL A 89 -9.36 -14.61 17.12
C VAL A 89 -10.46 -14.42 18.17
N SER A 90 -11.31 -13.43 17.96
CA SER A 90 -12.44 -13.19 18.82
C SER A 90 -13.50 -12.33 18.15
N GLY A 91 -14.64 -12.18 18.82
CA GLY A 91 -15.73 -11.35 18.31
C GLY A 91 -16.84 -12.18 17.69
N ALA A 92 -17.79 -11.49 17.07
CA ALA A 92 -18.93 -12.14 16.44
C ALA A 92 -18.49 -12.94 15.23
N THR A 93 -19.35 -13.86 14.79
CA THR A 93 -19.12 -14.57 13.54
C THR A 93 -20.23 -14.26 12.54
N PHE A 94 -20.14 -14.84 11.35
CA PHE A 94 -21.10 -14.54 10.29
C PHE A 94 -22.40 -15.35 10.50
N PRO A 95 -23.54 -14.83 10.01
CA PRO A 95 -24.81 -15.55 10.13
C PRO A 95 -24.81 -16.87 9.39
N GLY A 96 -25.42 -17.89 9.99
CA GLY A 96 -25.58 -19.20 9.37
C GLY A 96 -24.36 -20.09 9.50
N ASN A 97 -23.43 -19.70 10.36
CA ASN A 97 -22.21 -20.47 10.62
C ASN A 97 -22.56 -21.76 11.37
N LYS A 98 -22.30 -22.89 10.73
CA LYS A 98 -22.57 -24.18 11.35
C LYS A 98 -21.41 -24.59 12.27
N CYS A 99 -20.25 -23.98 12.07
CA CYS A 99 -19.04 -24.34 12.79
C CYS A 99 -18.91 -23.61 14.12
N ASN A 100 -18.28 -24.29 15.07
CA ASN A 100 -17.82 -23.69 16.31
C ASN A 100 -16.51 -22.97 15.98
N VAL A 101 -16.48 -21.65 16.16
CA VAL A 101 -15.33 -20.86 15.74
C VAL A 101 -14.02 -21.33 16.40
N GLY A 102 -14.06 -21.57 17.71
CA GLY A 102 -12.88 -21.98 18.47
C GLY A 102 -12.40 -23.38 18.12
N GLN A 103 -13.35 -24.29 17.90
CA GLN A 103 -13.04 -25.64 17.50
C GLN A 103 -12.43 -25.68 16.09
N THR A 104 -12.87 -24.78 15.22
CA THR A 104 -12.42 -24.75 13.83
C THR A 104 -11.04 -24.10 13.69
N ALA A 105 -10.79 -23.06 14.47
CA ALA A 105 -9.48 -22.45 14.60
C ALA A 105 -8.45 -23.48 15.07
N SER A 106 -8.87 -24.37 15.98
CA SER A 106 -7.99 -25.42 16.49
CA SER A 106 -8.00 -25.43 16.49
C SER A 106 -7.67 -26.42 15.38
N VAL A 107 -8.70 -26.79 14.60
CA VAL A 107 -8.53 -27.67 13.46
C VAL A 107 -7.55 -27.06 12.47
N ILE A 108 -7.74 -25.78 12.17
CA ILE A 108 -6.82 -25.06 11.27
C ILE A 108 -5.41 -25.02 11.84
N ARG A 109 -5.29 -24.67 13.12
CA ARG A 109 -3.99 -24.60 13.80
C ARG A 109 -3.17 -25.89 13.67
N GLY A 110 -3.81 -27.04 13.88
CA GLY A 110 -3.16 -28.33 13.67
C GLY A 110 -2.55 -28.52 12.29
N VAL A 111 -3.29 -28.14 11.25
CA VAL A 111 -2.80 -28.17 9.87
C VAL A 111 -1.57 -27.27 9.66
N ILE A 112 -1.61 -26.08 10.24
CA ILE A 112 -0.52 -25.11 10.08
C ILE A 112 0.73 -25.54 10.86
N GLU A 113 0.53 -26.05 12.08
CA GLU A 113 1.60 -26.71 12.84
C GLU A 113 2.32 -27.78 12.02
N THR A 114 1.54 -28.59 11.30
CA THR A 114 2.06 -29.65 10.45
C THR A 114 2.89 -29.08 9.28
N ALA A 115 2.37 -28.00 8.68
CA ALA A 115 3.06 -27.27 7.61
C ALA A 115 4.38 -26.64 8.07
N VAL A 116 4.35 -26.02 9.25
CA VAL A 116 5.54 -25.47 9.88
C VAL A 116 6.59 -26.55 10.09
N PHE A 117 6.16 -27.72 10.56
CA PHE A 117 7.06 -28.83 10.80
C PHE A 117 7.63 -29.36 9.48
N ALA A 118 6.74 -29.55 8.50
CA ALA A 118 7.13 -29.96 7.14
C ALA A 118 8.18 -29.02 6.51
N GLY A 119 8.01 -27.72 6.69
CA GLY A 119 8.94 -26.71 6.20
C GLY A 119 10.34 -26.80 6.80
N LYS A 120 10.41 -27.02 8.12
CA LYS A 120 11.70 -27.20 8.80
C LYS A 120 12.41 -28.49 8.38
N ILE A 121 11.62 -29.53 8.11
CA ILE A 121 12.16 -30.81 7.60
C ILE A 121 12.84 -30.61 6.25
N LEU A 122 12.17 -29.88 5.36
CA LEU A 122 12.63 -29.67 3.99
C LEU A 122 13.75 -28.63 3.87
N HIS A 123 13.59 -27.49 4.53
CA HIS A 123 14.62 -26.44 4.56
C HIS A 123 15.81 -26.86 5.41
N LEU B 2 15.07 8.16 7.27
CA LEU B 2 14.71 7.60 8.61
C LEU B 2 13.95 8.61 9.49
N ASN B 3 13.30 8.09 10.53
CA ASN B 3 12.55 8.91 11.49
C ASN B 3 12.69 8.40 12.93
N ILE B 4 12.17 9.18 13.87
CA ILE B 4 12.24 8.87 15.31
C ILE B 4 11.41 7.63 15.73
N GLY B 5 10.49 7.21 14.85
CA GLY B 5 9.71 6.00 15.06
C GLY B 5 10.51 4.72 14.92
N ASP B 6 11.66 4.82 14.24
CA ASP B 6 12.58 3.68 14.08
C ASP B 6 13.21 3.23 15.39
N LEU B 7 13.28 4.15 16.35
CA LEU B 7 13.82 3.86 17.68
C LEU B 7 12.89 2.97 18.53
N LEU B 8 11.59 3.03 18.26
CA LEU B 8 10.58 2.37 19.06
C LEU B 8 10.18 0.98 18.51
N GLY B 9 9.55 0.17 19.36
CA GLY B 9 9.05 -1.16 18.98
C GLY B 9 10.11 -2.24 18.99
N ASP B 15 1.56 -7.07 19.52
CA ASP B 15 0.47 -6.47 20.30
C ASP B 15 0.86 -5.08 20.84
N GLN B 16 1.97 -4.56 20.32
CA GLN B 16 2.50 -3.25 20.73
C GLN B 16 2.49 -2.26 19.55
N GLY B 17 2.19 -1.00 19.82
CA GLY B 17 2.22 0.05 18.80
C GLY B 17 1.24 -0.17 17.65
N CYS B 18 0.09 -0.75 17.94
CA CYS B 18 -0.86 -1.17 16.92
C CYS B 18 -2.30 -0.83 17.31
N SER B 19 -3.19 -0.84 16.32
CA SER B 19 -4.57 -0.41 16.54
C SER B 19 -5.58 -1.54 16.78
N ARG B 20 -6.54 -1.26 17.64
CA ARG B 20 -7.68 -2.15 17.87
C ARG B 20 -9.00 -1.41 17.59
N THR B 21 -8.92 -0.21 17.05
CA THR B 21 -10.10 0.65 16.90
C THR B 21 -10.23 1.19 15.48
N CYS B 22 -11.47 1.28 15.01
CA CYS B 22 -11.77 1.76 13.65
C CYS B 22 -11.69 3.27 13.60
N GLU B 23 -10.61 3.78 13.01
CA GLU B 23 -10.40 5.22 12.98
C GLU B 23 -10.93 5.83 11.68
N SER B 24 -10.99 7.15 11.62
CA SER B 24 -11.38 7.86 10.41
C SER B 24 -10.87 9.28 10.52
N GLN B 25 -9.57 9.40 10.33
CA GLN B 25 -8.83 10.62 10.61
C GLN B 25 -8.07 10.99 9.34
N PHE B 26 -8.07 12.28 9.00
CA PHE B 26 -7.40 12.79 7.80
C PHE B 26 -7.76 11.98 6.56
N CYS B 27 -9.06 11.92 6.29
CA CYS B 27 -9.65 11.08 5.26
C CYS B 27 -9.12 11.36 3.85
N THR B 28 -8.69 12.59 3.62
CA THR B 28 -8.31 13.03 2.27
C THR B 28 -6.80 13.30 2.17
N ILE B 29 -6.09 13.17 3.29
CA ILE B 29 -4.64 13.48 3.35
C ILE B 29 -3.83 12.19 3.50
N ALA B 30 -3.32 11.71 2.38
CA ALA B 30 -2.63 10.41 2.25
C ALA B 30 -1.58 10.11 3.33
N PRO B 31 -0.60 11.00 3.54
CA PRO B 31 0.40 10.66 4.56
C PRO B 31 -0.12 10.60 6.00
N LEU B 32 -1.26 11.24 6.28
CA LEU B 32 -1.79 11.32 7.65
C LEU B 32 -3.00 10.42 7.89
N LEU B 33 -3.57 9.92 6.79
CA LEU B 33 -4.75 9.07 6.80
CA LEU B 33 -4.76 9.09 6.84
C LEU B 33 -4.66 7.93 7.81
N ARG B 34 -5.72 7.75 8.60
CA ARG B 34 -5.91 6.56 9.45
C ARG B 34 -7.38 6.18 9.33
N TYR B 35 -7.62 5.00 8.76
CA TYR B 35 -8.95 4.55 8.39
C TYR B 35 -9.07 3.09 8.79
N GLY B 36 -10.11 2.75 9.54
CA GLY B 36 -10.25 1.40 10.06
C GLY B 36 -9.15 1.13 11.08
N LYS B 37 -8.70 -0.12 11.14
CA LYS B 37 -7.51 -0.49 11.93
C LYS B 37 -6.24 -0.58 11.06
N TYR B 38 -6.40 -0.60 9.74
CA TYR B 38 -5.26 -0.92 8.86
C TYR B 38 -4.89 0.13 7.80
N CYS B 39 -5.83 0.96 7.38
CA CYS B 39 -5.54 1.90 6.28
C CYS B 39 -4.80 3.14 6.76
N GLY B 40 -3.58 3.29 6.26
CA GLY B 40 -2.73 4.42 6.62
C GLY B 40 -1.29 3.99 6.69
N ILE B 41 -0.39 4.89 6.29
CA ILE B 41 1.04 4.60 6.31
C ILE B 41 1.52 4.50 7.76
N LEU B 42 2.30 3.46 8.07
CA LEU B 42 2.80 3.28 9.44
C LEU B 42 1.69 3.14 10.47
N TYR B 43 0.58 2.55 10.05
CA TYR B 43 -0.59 2.44 10.88
C TYR B 43 -1.18 1.09 10.55
N SER B 44 -1.26 0.20 11.55
CA SER B 44 -1.74 -1.15 11.32
C SER B 44 -2.42 -1.72 12.56
N GLY B 45 -3.21 -2.78 12.36
CA GLY B 45 -3.94 -3.42 13.44
C GLY B 45 -3.10 -4.42 14.22
N CYS B 46 -3.53 -4.71 15.44
CA CYS B 46 -2.84 -5.67 16.27
C CYS B 46 -3.12 -7.07 15.74
N PRO B 47 -2.16 -8.01 15.93
CA PRO B 47 -2.41 -9.38 15.48
C PRO B 47 -3.81 -9.88 15.84
N GLY B 48 -4.49 -10.49 14.87
CA GLY B 48 -5.81 -11.06 15.10
C GLY B 48 -6.99 -10.13 14.91
N GLU B 49 -6.74 -8.82 14.93
CA GLU B 49 -7.80 -7.80 14.80
C GLU B 49 -8.56 -7.84 13.46
N ARG B 50 -9.87 -8.00 13.54
CA ARG B 50 -10.70 -8.00 12.35
C ARG B 50 -10.71 -6.59 11.72
N PRO B 51 -10.58 -6.53 10.38
CA PRO B 51 -10.80 -5.28 9.66
C PRO B 51 -12.23 -4.75 9.86
N CYS B 52 -12.36 -3.43 9.74
CA CYS B 52 -13.60 -2.72 10.02
C CYS B 52 -14.58 -2.71 8.85
N ASP B 53 -14.07 -3.00 7.66
CA ASP B 53 -14.86 -3.02 6.44
C ASP B 53 -13.99 -3.55 5.31
N ALA B 54 -14.54 -3.61 4.09
CA ALA B 54 -13.83 -4.13 2.91
C ALA B 54 -12.54 -3.38 2.58
N LEU B 55 -12.61 -2.05 2.48
CA LEU B 55 -11.41 -1.26 2.27
C LEU B 55 -10.35 -1.55 3.34
N ASP B 56 -10.75 -1.60 4.61
CA ASP B 56 -9.84 -1.90 5.71
C ASP B 56 -9.16 -3.28 5.54
N ALA B 57 -9.88 -4.23 4.94
CA ALA B 57 -9.35 -5.57 4.74
C ALA B 57 -8.30 -5.61 3.64
N CYS B 58 -8.46 -4.76 2.62
CA CYS B 58 -7.46 -4.60 1.56
C CYS B 58 -6.13 -4.06 2.12
N CYS B 59 -6.24 -3.04 2.97
CA CYS B 59 -5.10 -2.49 3.70
C CYS B 59 -4.45 -3.49 4.64
N MET B 60 -5.26 -4.33 5.28
CA MET B 60 -4.75 -5.40 6.13
C MET B 60 -3.83 -6.35 5.37
N VAL B 61 -4.26 -6.79 4.18
CA VAL B 61 -3.47 -7.66 3.32
C VAL B 61 -2.18 -6.98 2.86
N HIS B 62 -2.30 -5.74 2.40
CA HIS B 62 -1.14 -4.96 1.97
C HIS B 62 -0.11 -4.79 3.10
N ASP B 63 -0.57 -4.43 4.30
CA ASP B 63 0.31 -4.28 5.48
C ASP B 63 1.17 -5.52 5.73
N HIS B 64 0.55 -6.69 5.66
CA HIS B 64 1.26 -7.94 5.89
C HIS B 64 2.15 -8.29 4.70
N CYS B 65 1.64 -8.03 3.50
CA CYS B 65 2.43 -8.22 2.28
C CYS B 65 3.74 -7.45 2.35
N VAL B 66 3.66 -6.15 2.69
CA VAL B 66 4.86 -5.33 2.83
C VAL B 66 5.78 -5.95 3.88
N ASP B 67 5.17 -6.31 5.01
CA ASP B 67 5.88 -6.83 6.17
C ASP B 67 6.59 -8.16 5.91
N THR B 68 6.00 -9.01 5.07
CA THR B 68 6.60 -10.30 4.74
C THR B 68 7.42 -10.26 3.45
N HIS B 69 7.59 -9.06 2.90
CA HIS B 69 8.45 -8.84 1.75
C HIS B 69 9.58 -7.88 2.09
N ASN B 70 10.26 -8.15 3.19
CA ASN B 70 11.39 -7.37 3.69
C ASN B 70 11.07 -5.87 3.89
N ASP B 71 9.84 -5.58 4.30
CA ASP B 71 9.34 -4.23 4.55
C ASP B 71 9.42 -3.32 3.31
N ASP B 72 9.16 -3.91 2.14
CA ASP B 72 9.24 -3.23 0.87
C ASP B 72 7.89 -2.65 0.46
N TYR B 73 7.74 -1.33 0.61
CA TYR B 73 6.53 -0.61 0.19
C TYR B 73 6.41 -0.50 -1.33
N LEU B 74 7.52 -0.70 -2.03
CA LEU B 74 7.56 -0.54 -3.47
C LEU B 74 7.44 -1.88 -4.19
N ASN B 75 6.99 -2.91 -3.48
CA ASN B 75 6.79 -4.24 -4.04
C ASN B 75 5.59 -4.26 -4.98
N THR B 76 5.80 -4.71 -6.22
CA THR B 76 4.76 -4.63 -7.25
C THR B 76 3.57 -5.54 -6.97
N MET B 77 3.82 -6.74 -6.46
CA MET B 77 2.76 -7.65 -6.09
C MET B 77 1.86 -7.07 -5.00
N CYS B 78 2.48 -6.62 -3.90
CA CYS B 78 1.76 -6.01 -2.79
C CYS B 78 0.90 -4.86 -3.30
N ASN B 79 1.52 -3.96 -4.03
CA ASN B 79 0.85 -2.76 -4.57
C ASN B 79 -0.18 -3.03 -5.68
N GLU B 80 0.12 -3.93 -6.62
CA GLU B 80 -0.86 -4.27 -7.65
C GLU B 80 -2.08 -5.04 -7.09
N ASN B 81 -1.84 -5.95 -6.15
CA ASN B 81 -2.92 -6.63 -5.40
C ASN B 81 -3.82 -5.67 -4.63
N LEU B 82 -3.23 -4.67 -3.98
CA LEU B 82 -4.01 -3.64 -3.29
C LEU B 82 -4.92 -2.85 -4.25
N LEU B 83 -4.36 -2.41 -5.37
CA LEU B 83 -5.14 -1.76 -6.43
C LEU B 83 -6.32 -2.62 -6.88
N SER B 84 -6.06 -3.90 -7.15
CA SER B 84 -7.09 -4.89 -7.46
C SER B 84 -8.19 -4.96 -6.42
N CYS B 85 -7.79 -5.01 -5.16
CA CYS B 85 -8.68 -5.13 -4.03
C CYS B 85 -9.55 -3.87 -3.85
N ILE B 86 -8.91 -2.71 -3.88
CA ILE B 86 -9.61 -1.42 -3.79
C ILE B 86 -10.70 -1.25 -4.85
N ASP B 87 -10.42 -1.70 -6.08
CA ASP B 87 -11.37 -1.59 -7.17
C ASP B 87 -12.63 -2.44 -6.96
N ARG B 88 -12.54 -3.43 -6.08
CA ARG B 88 -13.63 -4.36 -5.87
C ARG B 88 -14.38 -4.14 -4.56
N VAL B 89 -13.97 -3.11 -3.81
CA VAL B 89 -14.55 -2.78 -2.51
C VAL B 89 -16.03 -2.45 -2.58
N SER B 90 -16.80 -3.01 -1.63
CA SER B 90 -18.25 -2.81 -1.53
C SER B 90 -18.74 -3.30 -0.18
N GLY B 91 -19.98 -2.94 0.16
CA GLY B 91 -20.60 -3.39 1.39
C GLY B 91 -20.63 -2.29 2.44
N ALA B 92 -21.33 -2.57 3.54
CA ALA B 92 -21.44 -1.63 4.65
C ALA B 92 -20.06 -1.30 5.25
N THR B 93 -19.88 -0.05 5.66
CA THR B 93 -18.72 0.33 6.44
C THR B 93 -19.16 0.52 7.89
N PHE B 94 -18.20 0.79 8.76
CA PHE B 94 -18.50 0.95 10.19
C PHE B 94 -19.28 2.23 10.53
N PRO B 95 -20.20 2.13 11.52
CA PRO B 95 -21.06 3.26 11.91
C PRO B 95 -20.32 4.57 12.18
N GLY B 96 -19.16 4.52 12.84
CA GLY B 96 -18.44 5.74 13.21
C GLY B 96 -17.49 6.34 12.18
N ASN B 97 -17.48 5.76 10.98
CA ASN B 97 -16.64 6.21 9.87
C ASN B 97 -16.98 7.62 9.37
N LYS B 98 -16.14 8.58 9.73
CA LYS B 98 -16.27 9.95 9.27
C LYS B 98 -15.76 10.12 7.83
N CYS B 99 -15.09 9.10 7.31
CA CYS B 99 -14.58 9.12 5.93
C CYS B 99 -15.62 8.66 4.94
N ASN B 100 -15.49 9.12 3.70
CA ASN B 100 -16.29 8.62 2.58
C ASN B 100 -15.50 7.47 1.99
N VAL B 101 -16.12 6.29 1.91
CA VAL B 101 -15.44 5.08 1.44
C VAL B 101 -14.79 5.25 0.05
N GLY B 102 -15.61 5.53 -0.96
CA GLY B 102 -15.12 5.77 -2.32
C GLY B 102 -14.06 6.84 -2.44
N GLN B 103 -14.26 7.94 -1.73
CA GLN B 103 -13.29 9.03 -1.70
C GLN B 103 -11.97 8.62 -1.04
N THR B 104 -12.04 7.88 0.06
CA THR B 104 -10.81 7.48 0.73
C THR B 104 -10.06 6.40 -0.05
N ALA B 105 -10.80 5.41 -0.56
CA ALA B 105 -10.28 4.45 -1.53
C ALA B 105 -9.50 5.12 -2.67
N SER B 106 -10.04 6.22 -3.19
CA SER B 106 -9.42 7.01 -4.26
C SER B 106 -8.08 7.66 -3.85
N VAL B 107 -7.99 8.15 -2.60
CA VAL B 107 -6.75 8.69 -2.05
C VAL B 107 -5.66 7.61 -1.94
N ILE B 108 -6.03 6.45 -1.40
CA ILE B 108 -5.11 5.32 -1.29
C ILE B 108 -4.64 4.90 -2.69
N ARG B 109 -5.60 4.69 -3.60
CA ARG B 109 -5.29 4.33 -4.98
C ARG B 109 -4.28 5.26 -5.66
N GLY B 110 -4.49 6.57 -5.52
CA GLY B 110 -3.58 7.57 -6.07
C GLY B 110 -2.15 7.44 -5.56
N VAL B 111 -2.00 7.14 -4.28
CA VAL B 111 -0.69 6.93 -3.64
C VAL B 111 -0.04 5.61 -4.07
N ILE B 112 -0.85 4.55 -4.14
CA ILE B 112 -0.37 3.24 -4.55
C ILE B 112 0.02 3.19 -6.04
N GLU B 113 -0.70 3.92 -6.89
CA GLU B 113 -0.36 4.04 -8.32
C GLU B 113 1.01 4.69 -8.52
N THR B 114 1.35 5.62 -7.64
CA THR B 114 2.65 6.27 -7.62
C THR B 114 3.74 5.31 -7.13
N ALA B 115 3.42 4.48 -6.14
CA ALA B 115 4.35 3.47 -5.63
C ALA B 115 4.64 2.36 -6.64
N VAL B 116 3.70 2.10 -7.54
CA VAL B 116 3.95 1.18 -8.64
C VAL B 116 4.82 1.87 -9.70
N PHE B 117 4.55 3.16 -9.92
CA PHE B 117 5.31 4.00 -10.86
C PHE B 117 6.76 4.15 -10.39
N ALA B 118 6.94 4.52 -9.12
CA ALA B 118 8.25 4.63 -8.48
C ALA B 118 8.97 3.29 -8.45
N GLY B 119 8.23 2.22 -8.20
CA GLY B 119 8.76 0.85 -8.24
C GLY B 119 9.37 0.50 -9.59
N LYS B 120 8.77 1.00 -10.67
CA LYS B 120 9.26 0.78 -12.03
C LYS B 120 10.47 1.64 -12.39
N ILE B 121 10.60 2.81 -11.75
CA ILE B 121 11.76 3.70 -11.95
C ILE B 121 12.95 3.21 -11.10
N LEU B 122 12.65 2.49 -10.02
CA LEU B 122 13.65 1.79 -9.23
C LEU B 122 13.71 0.31 -9.60
N GLN C 16 13.46 9.07 -23.58
CA GLN C 16 14.71 8.69 -22.83
C GLN C 16 15.86 9.62 -23.23
N GLY C 17 15.68 10.34 -24.34
CA GLY C 17 16.67 11.30 -24.79
C GLY C 17 16.45 12.58 -24.03
N CYS C 18 17.54 13.18 -23.57
CA CYS C 18 17.51 14.46 -22.89
C CYS C 18 16.93 15.58 -23.76
N SER C 19 16.45 16.64 -23.11
CA SER C 19 15.75 17.72 -23.78
C SER C 19 16.57 18.98 -24.07
N ARG C 20 16.32 19.56 -25.24
CA ARG C 20 16.84 20.87 -25.59
C ARG C 20 15.73 21.87 -25.90
N THR C 21 14.50 21.58 -25.46
CA THR C 21 13.35 22.44 -25.77
C THR C 21 12.46 22.69 -24.55
N CYS C 22 11.97 23.92 -24.42
CA CYS C 22 11.11 24.30 -23.32
C CYS C 22 9.71 23.77 -23.57
N GLU C 23 9.26 22.87 -22.69
CA GLU C 23 7.99 22.19 -22.87
C GLU C 23 6.96 22.75 -21.91
N SER C 24 5.69 22.45 -22.19
CA SER C 24 4.59 22.85 -21.34
C SER C 24 3.38 21.97 -21.58
N GLN C 25 3.51 20.71 -21.16
CA GLN C 25 2.46 19.70 -21.36
C GLN C 25 2.07 19.04 -20.06
N PHE C 26 0.81 18.65 -19.97
CA PHE C 26 0.28 17.93 -18.81
C PHE C 26 0.64 18.65 -17.51
N CYS C 27 0.47 19.98 -17.59
CA CYS C 27 0.76 20.96 -16.55
C CYS C 27 0.39 20.61 -15.13
N THR C 28 -0.68 19.84 -14.96
CA THR C 28 -1.16 19.51 -13.61
C THR C 28 -1.16 18.01 -13.34
N ILE C 29 -0.67 17.24 -14.28
CA ILE C 29 -0.62 15.78 -14.12
C ILE C 29 0.83 15.35 -13.96
N ALA C 30 1.25 15.23 -12.70
CA ALA C 30 2.65 15.00 -12.34
C ALA C 30 3.41 13.87 -13.09
N PRO C 31 2.82 12.66 -13.20
CA PRO C 31 3.49 11.58 -13.93
C PRO C 31 3.69 11.87 -15.43
N LEU C 32 2.95 12.84 -15.97
CA LEU C 32 2.99 13.13 -17.41
C LEU C 32 3.65 14.46 -17.77
N LEU C 33 3.75 15.32 -16.75
CA LEU C 33 4.31 16.66 -16.83
CA LEU C 33 4.29 16.66 -16.87
C LEU C 33 5.61 16.74 -17.64
N ARG C 34 5.65 17.68 -18.58
CA ARG C 34 6.87 18.09 -19.28
C ARG C 34 6.85 19.60 -19.15
N TYR C 35 7.77 20.15 -18.38
CA TYR C 35 7.82 21.59 -18.17
C TYR C 35 9.26 22.03 -18.31
N GLY C 36 9.50 23.00 -19.19
CA GLY C 36 10.87 23.42 -19.47
C GLY C 36 11.68 22.28 -20.06
N LYS C 37 12.97 22.25 -19.76
CA LYS C 37 13.85 21.16 -20.19
C LYS C 37 14.11 20.16 -19.07
N TYR C 38 13.75 20.51 -17.84
CA TYR C 38 14.14 19.72 -16.68
C TYR C 38 13.02 19.22 -15.77
N CYS C 39 11.85 19.85 -15.78
CA CYS C 39 10.76 19.41 -14.88
C CYS C 39 9.92 18.29 -15.46
N GLY C 40 9.90 17.18 -14.73
CA GLY C 40 9.13 16.02 -15.10
C GLY C 40 9.88 14.76 -14.73
N ILE C 41 9.14 13.66 -14.63
CA ILE C 41 9.73 12.38 -14.29
C ILE C 41 10.23 11.73 -15.58
N LEU C 42 11.43 11.17 -15.54
CA LEU C 42 12.08 10.56 -16.70
C LEU C 42 12.21 11.58 -17.83
N TYR C 43 12.52 12.80 -17.43
CA TYR C 43 12.62 13.92 -18.34
C TYR C 43 13.66 14.88 -17.76
N SER C 44 14.69 15.17 -18.54
CA SER C 44 15.72 16.10 -18.11
C SER C 44 16.45 16.72 -19.29
N GLY C 45 17.06 17.89 -19.06
CA GLY C 45 17.75 18.61 -20.12
C GLY C 45 19.12 18.01 -20.40
N CYS C 46 19.55 18.11 -21.66
CA CYS C 46 20.87 17.68 -22.07
C CYS C 46 21.93 18.50 -21.36
N PRO C 47 23.13 17.93 -21.15
CA PRO C 47 24.19 18.71 -20.49
C PRO C 47 24.41 20.07 -21.16
N GLY C 48 24.57 21.11 -20.35
CA GLY C 48 24.78 22.45 -20.90
C GLY C 48 23.53 23.25 -21.20
N GLU C 49 22.35 22.60 -21.17
CA GLU C 49 21.10 23.27 -21.51
C GLU C 49 20.66 24.23 -20.42
N ARG C 50 20.52 25.50 -20.78
CA ARG C 50 20.01 26.51 -19.87
C ARG C 50 18.55 26.21 -19.51
N PRO C 51 18.22 26.27 -18.22
CA PRO C 51 16.84 26.22 -17.75
C PRO C 51 15.98 27.32 -18.40
N CYS C 52 14.70 27.01 -18.63
CA CYS C 52 13.80 27.92 -19.35
C CYS C 52 13.29 29.08 -18.48
N ASP C 53 13.23 28.83 -17.18
CA ASP C 53 12.79 29.78 -16.18
C ASP C 53 13.23 29.28 -14.79
N ALA C 54 12.89 30.05 -13.75
CA ALA C 54 13.29 29.74 -12.37
C ALA C 54 12.86 28.35 -11.90
N LEU C 55 11.61 27.98 -12.18
CA LEU C 55 11.08 26.64 -11.84
C LEU C 55 11.85 25.51 -12.50
N ASP C 56 12.11 25.65 -13.79
CA ASP C 56 12.95 24.73 -14.55
C ASP C 56 14.35 24.61 -13.93
N ALA C 57 14.94 25.73 -13.51
CA ALA C 57 16.24 25.73 -12.81
C ALA C 57 16.20 24.95 -11.48
N CYS C 58 15.07 25.04 -10.78
CA CYS C 58 14.86 24.25 -9.57
C CYS C 58 14.94 22.75 -9.86
N CYS C 59 14.32 22.34 -10.96
CA CYS C 59 14.34 20.95 -11.42
C CYS C 59 15.72 20.57 -11.95
N MET C 60 16.35 21.51 -12.65
CA MET C 60 17.72 21.37 -13.13
C MET C 60 18.69 21.11 -11.97
N VAL C 61 18.58 21.90 -10.90
CA VAL C 61 19.44 21.75 -9.72
C VAL C 61 19.12 20.45 -8.99
N HIS C 62 17.84 20.07 -8.96
CA HIS C 62 17.39 18.82 -8.37
C HIS C 62 17.93 17.60 -9.09
N ASP C 63 17.85 17.62 -10.42
CA ASP C 63 18.39 16.52 -11.23
C ASP C 63 19.91 16.34 -11.05
N HIS C 64 20.66 17.44 -10.96
CA HIS C 64 22.11 17.39 -10.72
C HIS C 64 22.40 16.83 -9.32
N CYS C 65 21.50 17.14 -8.37
CA CYS C 65 21.62 16.62 -7.02
C CYS C 65 21.43 15.11 -6.99
N VAL C 66 20.34 14.64 -7.58
CA VAL C 66 20.02 13.21 -7.64
C VAL C 66 21.12 12.43 -8.37
N ASP C 67 21.60 12.99 -9.48
CA ASP C 67 22.74 12.45 -10.22
C ASP C 67 24.00 12.27 -9.38
N THR C 68 24.38 13.31 -8.63
CA THR C 68 25.59 13.29 -7.80
C THR C 68 25.41 12.54 -6.48
N HIS C 69 24.18 12.10 -6.21
CA HIS C 69 23.88 11.30 -5.02
C HIS C 69 23.26 9.96 -5.42
N ASN C 70 23.97 9.27 -6.32
CA ASN C 70 23.69 7.88 -6.73
C ASN C 70 22.29 7.57 -7.25
N ASP C 71 21.73 8.50 -8.05
CA ASP C 71 20.39 8.35 -8.63
C ASP C 71 19.27 8.14 -7.58
N ASP C 72 19.54 8.52 -6.34
CA ASP C 72 18.56 8.45 -5.26
C ASP C 72 17.62 9.67 -5.30
N TYR C 73 16.45 9.49 -5.90
CA TYR C 73 15.44 10.56 -5.98
C TYR C 73 14.60 10.63 -4.70
N LEU C 74 14.84 9.71 -3.78
CA LEU C 74 14.28 9.78 -2.42
C LEU C 74 15.32 10.27 -1.41
N ASN C 75 16.39 10.89 -1.91
CA ASN C 75 17.35 11.61 -1.08
C ASN C 75 16.64 12.84 -0.50
N THR C 76 16.50 12.89 0.82
CA THR C 76 15.71 13.93 1.48
C THR C 76 16.29 15.33 1.26
N MET C 77 17.62 15.44 1.26
CA MET C 77 18.29 16.71 1.03
C MET C 77 17.99 17.34 -0.33
N CYS C 78 18.12 16.55 -1.40
CA CYS C 78 17.85 17.02 -2.77
C CYS C 78 16.41 17.48 -2.92
N ASN C 79 15.50 16.78 -2.25
CA ASN C 79 14.07 17.04 -2.29
C ASN C 79 13.63 18.25 -1.47
N GLU C 80 14.20 18.40 -0.29
CA GLU C 80 13.93 19.53 0.57
C GLU C 80 14.50 20.81 -0.02
N ASN C 81 15.65 20.71 -0.69
CA ASN C 81 16.22 21.82 -1.45
C ASN C 81 15.34 22.26 -2.63
N LEU C 82 14.63 21.31 -3.22
CA LEU C 82 13.69 21.62 -4.30
C LEU C 82 12.44 22.34 -3.78
N LEU C 83 11.92 21.89 -2.63
CA LEU C 83 10.83 22.58 -1.95
C LEU C 83 11.18 24.05 -1.70
N SER C 84 12.35 24.28 -1.12
CA SER C 84 12.85 25.63 -0.84
C SER C 84 12.97 26.47 -2.11
N CYS C 85 13.49 25.85 -3.17
CA CYS C 85 13.70 26.52 -4.45
C CYS C 85 12.39 26.94 -5.11
N ILE C 86 11.38 26.07 -5.04
CA ILE C 86 10.07 26.31 -5.65
C ILE C 86 9.38 27.49 -4.97
N ASP C 87 9.51 27.56 -3.65
CA ASP C 87 8.93 28.63 -2.85
C ASP C 87 9.45 30.02 -3.20
N ARG C 88 10.58 30.07 -3.91
CA ARG C 88 11.25 31.35 -4.23
C ARG C 88 11.01 31.79 -5.67
N VAL C 89 10.52 30.87 -6.48
CA VAL C 89 10.23 31.09 -7.90
C VAL C 89 9.27 32.27 -8.16
N SER C 90 9.66 33.16 -9.09
CA SER C 90 8.72 34.17 -9.62
C SER C 90 7.92 33.64 -10.82
N GLY C 91 6.83 34.34 -11.13
CA GLY C 91 5.99 33.96 -12.26
C GLY C 91 6.58 34.25 -13.63
N ALA C 92 7.71 34.97 -13.68
CA ALA C 92 8.40 35.23 -14.95
C ALA C 92 8.80 33.91 -15.60
N THR C 93 8.43 33.76 -16.87
CA THR C 93 8.63 32.49 -17.56
C THR C 93 8.94 32.68 -19.05
N PHE C 94 9.14 31.55 -19.74
CA PHE C 94 9.50 31.53 -21.15
C PHE C 94 8.30 31.82 -22.05
N PRO C 95 8.56 32.38 -23.25
CA PRO C 95 7.52 32.63 -24.26
C PRO C 95 6.88 31.35 -24.75
N GLY C 96 5.55 31.33 -24.77
CA GLY C 96 4.78 30.22 -25.29
C GLY C 96 4.44 29.17 -24.25
N ASN C 97 4.78 29.43 -22.99
CA ASN C 97 4.47 28.51 -21.88
C ASN C 97 2.95 28.33 -21.71
N LYS C 98 2.46 27.12 -22.02
CA LYS C 98 1.04 26.79 -21.91
C LYS C 98 0.60 26.53 -20.48
N CYS C 99 1.57 26.31 -19.60
CA CYS C 99 1.29 26.03 -18.20
C CYS C 99 1.19 27.33 -17.40
N ASN C 100 0.54 27.23 -16.25
CA ASN C 100 0.56 28.31 -15.28
C ASN C 100 1.68 28.00 -14.29
N VAL C 101 2.64 28.92 -14.18
CA VAL C 101 3.84 28.73 -13.35
C VAL C 101 3.44 28.33 -11.93
N GLY C 102 2.70 29.20 -11.24
CA GLY C 102 2.26 28.99 -9.86
C GLY C 102 1.53 27.68 -9.62
N GLN C 103 0.65 27.30 -10.53
CA GLN C 103 -0.06 26.03 -10.44
C GLN C 103 0.85 24.82 -10.65
N THR C 104 1.67 24.85 -11.70
CA THR C 104 2.63 23.77 -11.94
C THR C 104 3.63 23.65 -10.79
N ALA C 105 4.16 24.77 -10.33
CA ALA C 105 5.06 24.79 -9.17
C ALA C 105 4.42 24.03 -8.00
N SER C 106 3.14 24.31 -7.78
CA SER C 106 2.35 23.72 -6.74
C SER C 106 2.16 22.20 -6.91
N VAL C 107 1.95 21.77 -8.16
CA VAL C 107 1.79 20.36 -8.50
C VAL C 107 3.10 19.61 -8.27
N ILE C 108 4.23 20.21 -8.64
CA ILE C 108 5.54 19.61 -8.40
C ILE C 108 5.81 19.57 -6.89
N ARG C 109 5.52 20.68 -6.21
CA ARG C 109 5.78 20.76 -4.78
C ARG C 109 5.06 19.64 -4.02
N GLY C 110 3.82 19.37 -4.43
CA GLY C 110 3.03 18.28 -3.86
C GLY C 110 3.68 16.92 -3.96
N VAL C 111 4.33 16.65 -5.10
CA VAL C 111 4.97 15.36 -5.38
C VAL C 111 6.28 15.22 -4.61
N ILE C 112 6.94 16.36 -4.44
CA ILE C 112 8.24 16.40 -3.80
C ILE C 112 8.07 16.31 -2.29
N GLU C 113 6.98 16.88 -1.78
CA GLU C 113 6.57 16.73 -0.39
C GLU C 113 6.32 15.26 -0.02
N THR C 114 5.68 14.54 -0.94
CA THR C 114 5.43 13.10 -0.78
C THR C 114 6.75 12.35 -0.74
N ALA C 115 7.66 12.74 -1.63
CA ALA C 115 9.00 12.15 -1.71
C ALA C 115 9.83 12.35 -0.43
N VAL C 116 9.72 13.54 0.18
CA VAL C 116 10.41 13.83 1.47
C VAL C 116 9.89 12.89 2.56
N PHE C 117 8.57 12.73 2.59
CA PHE C 117 7.90 11.81 3.50
C PHE C 117 8.31 10.35 3.29
N ALA C 118 8.34 9.88 2.04
CA ALA C 118 8.78 8.51 1.69
C ALA C 118 10.25 8.27 2.03
N GLY C 119 11.09 9.28 1.84
CA GLY C 119 12.48 9.22 2.26
C GLY C 119 12.63 9.02 3.76
N LYS C 120 11.66 9.53 4.51
CA LYS C 120 11.65 9.37 5.97
C LYS C 120 11.20 7.98 6.45
N ILE C 121 10.33 7.32 5.68
CA ILE C 121 9.87 5.96 5.96
C ILE C 121 10.83 4.93 5.37
N LEU C 122 11.04 5.03 4.05
CA LEU C 122 11.90 4.11 3.30
C LEU C 122 13.35 4.52 3.48
#